data_7A4U
#
_entry.id   7A4U
#
_cell.length_a   50.333
_cell.length_b   51.289
_cell.length_c   119.716
_cell.angle_alpha   90.000
_cell.angle_beta   100.170
_cell.angle_gamma   90.000
#
_symmetry.space_group_name_H-M   'P 1 21 1'
#
loop_
_entity.id
_entity.type
_entity.pdbx_description
1 polymer 'Endoplasmic reticulum chaperone BiP'
2 non-polymer GLYCEROL
3 water water
#
_entity_poly.entity_id   1
_entity_poly.type   'polypeptide(L)'
_entity_poly.pdbx_seq_one_letter_code
;SGTVVGIDLGTTYSCVGVFKNGRVEIIANDQGNRITPSYVAFTPEGERLIGDAAKNQLTSNPENTVFDAKRLIGRTWNDP
SVQQDIKFLPFKVVEKKTKPYIQVDIGGGQTKTFAPEEISAMVLTKMKETAEAYLGKKVTHAVVTVPAYFNDAQRQATKD
AGTIAGLNVMRIINEPTAAAIAYGLDKREGEKNILVFDLGGGAFDVSLLTIDNGVFEVVATNGDTHLGGEDFDQRVMEHF
IKLYKKKTGKDVRKDNRAVQKLRREVEKAKRALSSQHQARIEIESFFEGEDFSETLTRAKFEELNMDLFRSTMKPVQKVL
EDSDLKKSDIDEIVLVGGSTRIPKIQQLVKEFFNGKEPSRGINPDEAVAYGAAVQAGVLSGDQDTGDLVLLDVCPLTLGI
ETVGGVMTKLIPRNTVVPTKKSQIFSTASDNQPTFTIKVYEGERPLTKDNHLLGTFDLTGIPPAPRGVPQIEVTFEIDVN
GILRVTAEDKGTGNKNKITITNDQNRLTPEEIERMVNDAEKFA
;
_entity_poly.pdbx_strand_id   A
#
loop_
_chem_comp.id
_chem_comp.type
_chem_comp.name
_chem_comp.formula
GOL non-polymer GLYCEROL 'C3 H8 O3'
#
# COMPACT_ATOMS: atom_id res chain seq x y z
N SER A 1 -14.80 -7.10 -0.69
CA SER A 1 -15.95 -6.79 -1.61
C SER A 1 -15.59 -7.18 -3.06
N GLY A 2 -16.02 -8.37 -3.50
CA GLY A 2 -15.83 -8.88 -4.88
C GLY A 2 -14.37 -9.08 -5.24
N THR A 3 -14.05 -9.06 -6.53
CA THR A 3 -12.67 -8.87 -7.06
C THR A 3 -12.35 -7.37 -7.01
N VAL A 4 -11.38 -6.97 -6.19
CA VAL A 4 -10.91 -5.55 -6.05
C VAL A 4 -9.63 -5.39 -6.88
N VAL A 5 -9.58 -4.43 -7.79
CA VAL A 5 -8.37 -4.18 -8.62
C VAL A 5 -7.66 -2.92 -8.09
N GLY A 6 -6.38 -2.78 -8.42
CA GLY A 6 -5.58 -1.57 -8.17
C GLY A 6 -5.36 -0.85 -9.48
N ILE A 7 -5.68 0.45 -9.57
CA ILE A 7 -5.50 1.21 -10.83
C ILE A 7 -4.62 2.43 -10.57
N ASP A 8 -3.52 2.52 -11.31
CA ASP A 8 -2.72 3.76 -11.51
C ASP A 8 -3.41 4.56 -12.62
N LEU A 9 -4.09 5.64 -12.27
CA LEU A 9 -4.74 6.54 -13.25
C LEU A 9 -3.73 7.64 -13.54
N GLY A 10 -2.86 7.38 -14.51
CA GLY A 10 -1.69 8.23 -14.77
C GLY A 10 -2.05 9.39 -15.68
N THR A 11 -1.23 10.44 -15.64
CA THR A 11 -1.39 11.63 -16.52
C THR A 11 -1.35 11.18 -17.98
N THR A 12 -0.40 10.33 -18.36
CA THR A 12 -0.19 9.92 -19.78
C THR A 12 -0.59 8.45 -20.00
N TYR A 13 -0.38 7.58 -19.02
CA TYR A 13 -0.63 6.12 -19.09
C TYR A 13 -1.32 5.66 -17.81
N SER A 14 -2.17 4.65 -17.92
CA SER A 14 -2.83 4.00 -16.77
C SER A 14 -2.45 2.52 -16.80
N CYS A 15 -2.54 1.88 -15.64
CA CYS A 15 -2.06 0.49 -15.42
C CYS A 15 -2.99 -0.16 -14.40
N VAL A 16 -3.40 -1.41 -14.64
CA VAL A 16 -4.32 -2.11 -13.71
C VAL A 16 -3.66 -3.41 -13.28
N GLY A 17 -3.72 -3.66 -11.97
CA GLY A 17 -3.23 -4.91 -11.34
C GLY A 17 -4.32 -5.56 -10.50
N VAL A 18 -4.13 -6.85 -10.22
CA VAL A 18 -5.03 -7.61 -9.32
C VAL A 18 -4.13 -8.55 -8.50
N PHE A 19 -4.42 -8.63 -7.20
CA PHE A 19 -3.81 -9.64 -6.30
C PHE A 19 -4.68 -10.89 -6.41
N LYS A 20 -4.13 -11.94 -7.03
CA LYS A 20 -4.87 -13.19 -7.35
C LYS A 20 -3.97 -14.36 -6.92
N ASN A 21 -4.47 -15.23 -6.03
CA ASN A 21 -3.82 -16.53 -5.75
C ASN A 21 -2.38 -16.30 -5.28
N GLY A 22 -2.18 -15.28 -4.45
CA GLY A 22 -0.92 -15.00 -3.76
C GLY A 22 0.06 -14.15 -4.55
N ARG A 23 -0.31 -13.63 -5.73
CA ARG A 23 0.61 -12.79 -6.55
C ARG A 23 -0.15 -11.60 -7.13
N VAL A 24 0.54 -10.48 -7.32
CA VAL A 24 0.02 -9.35 -8.15
C VAL A 24 0.21 -9.73 -9.61
N GLU A 25 -0.84 -9.65 -10.40
CA GLU A 25 -0.79 -9.73 -11.87
C GLU A 25 -1.10 -8.34 -12.44
N ILE A 26 -0.17 -7.77 -13.20
CA ILE A 26 -0.43 -6.54 -14.01
C ILE A 26 -1.01 -7.02 -15.33
N ILE A 27 -2.19 -6.51 -15.69
CA ILE A 27 -3.05 -7.09 -16.74
C ILE A 27 -2.81 -6.35 -18.07
N ALA A 28 -2.43 -7.10 -19.12
CA ALA A 28 -2.29 -6.57 -20.49
C ALA A 28 -3.70 -6.25 -21.04
N ASN A 29 -3.83 -5.15 -21.78
CA ASN A 29 -5.09 -4.75 -22.48
C ASN A 29 -5.28 -5.61 -23.75
N ASP A 30 -6.33 -5.34 -24.54
CA ASP A 30 -6.66 -6.14 -25.75
C ASP A 30 -5.62 -5.94 -26.86
N GLN A 31 -4.70 -4.98 -26.74
CA GLN A 31 -3.55 -4.78 -27.67
C GLN A 31 -2.30 -5.51 -27.12
N GLY A 32 -2.40 -6.18 -25.98
CA GLY A 32 -1.26 -6.85 -25.32
C GLY A 32 -0.33 -5.91 -24.56
N ASN A 33 -0.76 -4.67 -24.25
CA ASN A 33 0.07 -3.67 -23.53
C ASN A 33 -0.31 -3.65 -22.05
N ARG A 34 0.68 -3.67 -21.16
CA ARG A 34 0.50 -3.66 -19.68
C ARG A 34 0.31 -2.22 -19.19
N ILE A 35 0.46 -1.23 -20.06
CA ILE A 35 0.03 0.18 -19.78
C ILE A 35 -0.85 0.63 -20.92
N THR A 36 -1.80 1.52 -20.62
CA THR A 36 -2.81 2.01 -21.59
C THR A 36 -2.73 3.53 -21.59
N PRO A 37 -2.59 4.19 -22.75
CA PRO A 37 -2.63 5.65 -22.79
C PRO A 37 -3.92 6.20 -22.17
N SER A 38 -3.78 7.24 -21.34
CA SER A 38 -4.91 7.99 -20.75
C SER A 38 -5.46 8.97 -21.80
N TYR A 39 -5.91 8.42 -22.93
CA TYR A 39 -6.34 9.17 -24.13
C TYR A 39 -7.75 8.75 -24.50
N VAL A 40 -8.55 9.71 -24.94
CA VAL A 40 -9.90 9.49 -25.49
C VAL A 40 -10.01 10.32 -26.77
N ALA A 41 -10.58 9.77 -27.83
CA ALA A 41 -10.73 10.51 -29.09
C ALA A 41 -12.10 10.26 -29.70
N PHE A 42 -12.64 11.28 -30.35
CA PHE A 42 -13.88 11.22 -31.16
C PHE A 42 -13.50 11.45 -32.62
N THR A 43 -13.76 10.47 -33.47
CA THR A 43 -13.51 10.56 -34.94
C THR A 43 -14.65 11.36 -35.56
N PRO A 44 -14.43 11.96 -36.75
CA PRO A 44 -15.50 12.63 -37.50
C PRO A 44 -16.76 11.77 -37.71
N GLU A 45 -16.60 10.45 -37.73
CA GLU A 45 -17.67 9.47 -38.01
C GLU A 45 -18.43 9.11 -36.72
N GLY A 46 -18.07 9.74 -35.60
CA GLY A 46 -18.72 9.53 -34.29
C GLY A 46 -18.21 8.29 -33.57
N GLU A 47 -17.01 7.81 -33.91
CA GLU A 47 -16.40 6.66 -33.20
C GLU A 47 -15.67 7.20 -31.96
N ARG A 48 -15.82 6.50 -30.83
CA ARG A 48 -15.14 6.80 -29.54
C ARG A 48 -13.93 5.86 -29.39
N LEU A 49 -12.71 6.40 -29.40
CA LEU A 49 -11.46 5.63 -29.18
C LEU A 49 -10.94 5.91 -27.78
N ILE A 50 -10.46 4.88 -27.09
CA ILE A 50 -9.87 4.98 -25.72
C ILE A 50 -8.56 4.19 -25.72
N GLY A 51 -7.50 4.78 -25.17
CA GLY A 51 -6.20 4.12 -25.02
C GLY A 51 -5.36 4.22 -26.29
N ASP A 52 -4.80 3.08 -26.71
CA ASP A 52 -3.80 2.99 -27.81
C ASP A 52 -4.41 3.57 -29.09
N ALA A 53 -5.66 3.24 -29.43
CA ALA A 53 -6.30 3.68 -30.69
C ALA A 53 -6.48 5.21 -30.68
N ALA A 54 -6.79 5.81 -29.52
CA ALA A 54 -6.94 7.28 -29.39
C ALA A 54 -5.57 7.93 -29.62
N LYS A 55 -4.54 7.40 -28.97
CA LYS A 55 -3.20 8.05 -29.02
C LYS A 55 -2.60 7.92 -30.43
N ASN A 56 -2.92 6.83 -31.14
CA ASN A 56 -2.25 6.51 -32.43
C ASN A 56 -2.96 7.22 -33.61
N GLN A 57 -3.85 8.21 -33.33
CA GLN A 57 -4.45 9.11 -34.36
C GLN A 57 -4.51 10.58 -33.90
N LEU A 58 -3.77 10.96 -32.85
CA LEU A 58 -3.75 12.34 -32.27
C LEU A 58 -3.34 13.37 -33.33
N THR A 59 -2.34 13.05 -34.18
CA THR A 59 -1.71 13.96 -35.16
C THR A 59 -2.75 14.52 -36.15
N SER A 60 -3.65 13.68 -36.67
CA SER A 60 -4.67 14.01 -37.71
C SER A 60 -5.95 14.61 -37.11
N ASN A 61 -6.14 14.55 -35.79
CA ASN A 61 -7.40 14.90 -35.10
C ASN A 61 -7.06 15.65 -33.81
N PRO A 62 -6.28 16.75 -33.86
CA PRO A 62 -5.77 17.41 -32.66
C PRO A 62 -6.88 18.01 -31.77
N GLU A 63 -8.00 18.41 -32.38
CA GLU A 63 -9.10 19.11 -31.68
C GLU A 63 -9.96 18.13 -30.87
N ASN A 64 -10.12 16.88 -31.32
CA ASN A 64 -11.10 15.95 -30.73
C ASN A 64 -10.37 14.72 -30.15
N THR A 65 -9.08 14.88 -29.85
CA THR A 65 -8.28 13.90 -29.10
C THR A 65 -7.95 14.50 -27.73
N VAL A 66 -8.42 13.87 -26.67
CA VAL A 66 -8.32 14.41 -25.29
C VAL A 66 -7.31 13.58 -24.51
N PHE A 67 -6.44 14.25 -23.78
CA PHE A 67 -5.39 13.66 -22.94
C PHE A 67 -5.14 14.66 -21.82
N ASP A 68 -4.36 14.29 -20.80
CA ASP A 68 -3.93 15.22 -19.73
C ASP A 68 -5.15 15.71 -18.96
N ALA A 69 -6.28 14.99 -18.97
CA ALA A 69 -7.45 15.35 -18.14
C ALA A 69 -7.04 15.42 -16.66
N LYS A 70 -6.03 14.65 -16.26
CA LYS A 70 -5.56 14.63 -14.85
C LYS A 70 -4.99 16.00 -14.47
N ARG A 71 -4.53 16.80 -15.42
CA ARG A 71 -4.05 18.19 -15.12
C ARG A 71 -5.23 19.10 -14.72
N LEU A 72 -6.45 18.77 -15.12
CA LEU A 72 -7.66 19.63 -14.96
C LEU A 72 -8.56 19.11 -13.85
N ILE A 73 -8.49 17.82 -13.55
CA ILE A 73 -9.50 17.14 -12.69
C ILE A 73 -9.51 17.78 -11.29
N GLY A 74 -10.70 18.08 -10.79
CA GLY A 74 -10.92 18.61 -9.44
C GLY A 74 -10.50 20.06 -9.29
N ARG A 75 -10.19 20.77 -10.38
CA ARG A 75 -9.69 22.18 -10.32
C ARG A 75 -10.79 23.14 -10.80
N THR A 76 -10.70 24.39 -10.35
CA THR A 76 -11.57 25.49 -10.82
C THR A 76 -10.97 26.10 -12.07
N TRP A 77 -11.80 26.77 -12.87
CA TRP A 77 -11.35 27.41 -14.13
C TRP A 77 -10.19 28.37 -13.85
N ASN A 78 -10.28 29.16 -12.77
CA ASN A 78 -9.36 30.30 -12.53
C ASN A 78 -8.12 29.84 -11.74
N ASP A 79 -8.01 28.55 -11.40
CA ASP A 79 -6.75 27.95 -10.90
C ASP A 79 -5.64 28.33 -11.89
N PRO A 80 -4.54 28.98 -11.46
CA PRO A 80 -3.48 29.40 -12.37
C PRO A 80 -2.85 28.22 -13.14
N SER A 81 -2.90 27.03 -12.54
CA SER A 81 -2.44 25.76 -13.18
C SER A 81 -3.26 25.52 -14.45
N VAL A 82 -4.58 25.63 -14.34
CA VAL A 82 -5.51 25.44 -15.47
C VAL A 82 -5.21 26.51 -16.53
N GLN A 83 -5.06 27.77 -16.11
CA GLN A 83 -4.86 28.90 -17.05
C GLN A 83 -3.54 28.71 -17.81
N GLN A 84 -2.51 28.16 -17.17
CA GLN A 84 -1.24 27.79 -17.83
C GLN A 84 -1.48 26.64 -18.82
N ASP A 85 -2.12 25.56 -18.36
CA ASP A 85 -2.21 24.28 -19.11
C ASP A 85 -3.00 24.47 -20.40
N ILE A 86 -4.08 25.26 -20.38
CA ILE A 86 -4.98 25.39 -21.57
C ILE A 86 -4.21 26.06 -22.72
N LYS A 87 -3.13 26.80 -22.41
CA LYS A 87 -2.30 27.48 -23.44
C LYS A 87 -1.68 26.47 -24.41
N PHE A 88 -1.32 25.27 -23.98
N PHE A 88 -1.33 25.27 -23.96
CA PHE A 88 -0.62 24.28 -24.84
CA PHE A 88 -0.58 24.26 -24.75
C PHE A 88 -1.39 22.95 -24.98
C PHE A 88 -1.47 23.07 -25.12
N LEU A 89 -2.62 22.86 -24.45
CA LEU A 89 -3.52 21.72 -24.78
C LEU A 89 -4.19 22.03 -26.12
N PRO A 90 -4.15 21.10 -27.10
CA PRO A 90 -4.68 21.37 -28.44
C PRO A 90 -6.21 21.28 -28.56
N PHE A 91 -6.89 20.72 -27.55
CA PHE A 91 -8.37 20.64 -27.52
C PHE A 91 -8.92 21.85 -26.75
N LYS A 92 -10.17 22.20 -27.01
CA LYS A 92 -10.80 23.38 -26.39
C LYS A 92 -11.22 23.04 -24.95
N VAL A 93 -10.81 23.91 -24.02
CA VAL A 93 -11.25 23.89 -22.60
C VAL A 93 -12.04 25.17 -22.36
N VAL A 94 -13.21 25.06 -21.75
CA VAL A 94 -14.11 26.22 -21.52
C VAL A 94 -14.50 26.26 -20.04
N GLU A 95 -14.96 27.41 -19.58
CA GLU A 95 -15.56 27.55 -18.24
C GLU A 95 -17.06 27.28 -18.31
N LYS A 96 -17.57 26.39 -17.46
CA LYS A 96 -19.01 26.28 -17.13
C LYS A 96 -19.14 26.33 -15.60
N LYS A 97 -19.87 27.33 -15.08
CA LYS A 97 -20.16 27.49 -13.64
C LYS A 97 -18.86 27.37 -12.84
N THR A 98 -17.80 28.05 -13.29
CA THR A 98 -16.48 28.24 -12.62
C THR A 98 -15.57 27.00 -12.77
N LYS A 99 -15.99 25.97 -13.52
CA LYS A 99 -15.19 24.73 -13.67
C LYS A 99 -14.76 24.56 -15.12
N PRO A 100 -13.58 23.95 -15.35
CA PRO A 100 -13.11 23.65 -16.70
C PRO A 100 -13.84 22.42 -17.26
N TYR A 101 -14.26 22.54 -18.51
CA TYR A 101 -14.87 21.45 -19.31
C TYR A 101 -14.15 21.38 -20.64
N ILE A 102 -14.04 20.16 -21.14
CA ILE A 102 -13.38 19.84 -22.43
C ILE A 102 -14.47 19.82 -23.51
N GLN A 103 -14.33 20.67 -24.51
CA GLN A 103 -15.34 20.81 -25.58
C GLN A 103 -14.80 20.10 -26.83
N VAL A 104 -15.54 19.12 -27.33
CA VAL A 104 -15.15 18.35 -28.54
C VAL A 104 -16.37 18.21 -29.45
N ASP A 105 -16.09 17.88 -30.70
CA ASP A 105 -17.05 17.38 -31.71
C ASP A 105 -17.07 15.85 -31.61
N ILE A 106 -18.20 15.25 -31.19
CA ILE A 106 -18.29 13.78 -30.93
C ILE A 106 -18.66 13.04 -32.22
N GLY A 107 -18.85 13.76 -33.33
CA GLY A 107 -19.24 13.17 -34.62
C GLY A 107 -20.23 14.04 -35.35
N GLY A 108 -20.13 14.07 -36.69
CA GLY A 108 -20.81 15.04 -37.55
C GLY A 108 -20.24 16.43 -37.27
N GLY A 109 -21.04 17.29 -36.66
CA GLY A 109 -20.59 18.58 -36.08
C GLY A 109 -21.18 18.79 -34.69
N GLN A 110 -21.53 17.72 -33.98
CA GLN A 110 -22.26 17.77 -32.68
C GLN A 110 -21.27 18.03 -31.53
N THR A 111 -21.32 19.24 -30.96
CA THR A 111 -20.42 19.68 -29.86
C THR A 111 -20.94 19.12 -28.52
N LYS A 112 -20.04 18.56 -27.72
CA LYS A 112 -20.32 18.15 -26.32
C LYS A 112 -19.25 18.74 -25.40
N THR A 113 -19.62 19.03 -24.16
CA THR A 113 -18.64 19.42 -23.10
C THR A 113 -18.56 18.28 -22.08
N PHE A 114 -17.34 17.85 -21.79
CA PHE A 114 -17.06 16.78 -20.79
C PHE A 114 -16.30 17.39 -19.62
N ALA A 115 -16.76 17.07 -18.42
CA ALA A 115 -16.00 17.28 -17.18
C ALA A 115 -14.72 16.47 -17.28
N PRO A 116 -13.60 16.96 -16.72
CA PRO A 116 -12.38 16.14 -16.70
C PRO A 116 -12.63 14.73 -16.14
N GLU A 117 -13.43 14.63 -15.06
CA GLU A 117 -13.69 13.32 -14.41
C GLU A 117 -14.50 12.42 -15.37
N GLU A 118 -15.21 12.98 -16.35
CA GLU A 118 -15.96 12.17 -17.34
C GLU A 118 -14.97 11.57 -18.34
N ILE A 119 -13.93 12.31 -18.73
CA ILE A 119 -12.84 11.77 -19.59
C ILE A 119 -12.09 10.69 -18.82
N SER A 120 -11.74 10.95 -17.56
CA SER A 120 -11.05 9.96 -16.70
C SER A 120 -11.95 8.73 -16.49
N ALA A 121 -13.26 8.91 -16.40
CA ALA A 121 -14.22 7.79 -16.28
C ALA A 121 -14.06 6.86 -17.48
N MET A 122 -13.89 7.41 -18.68
CA MET A 122 -13.78 6.60 -19.92
C MET A 122 -12.47 5.81 -19.87
N VAL A 123 -11.39 6.44 -19.38
CA VAL A 123 -10.09 5.73 -19.22
C VAL A 123 -10.28 4.62 -18.17
N LEU A 124 -10.90 4.90 -17.03
CA LEU A 124 -11.12 3.88 -15.96
C LEU A 124 -12.03 2.76 -16.47
N THR A 125 -13.02 3.05 -17.34
CA THR A 125 -13.86 2.00 -17.97
C THR A 125 -12.97 1.05 -18.77
N LYS A 126 -12.04 1.60 -19.56
CA LYS A 126 -11.09 0.77 -20.35
C LYS A 126 -10.25 -0.11 -19.40
N MET A 127 -9.76 0.45 -18.28
CA MET A 127 -8.92 -0.33 -17.33
C MET A 127 -9.79 -1.42 -16.69
N LYS A 128 -11.05 -1.11 -16.33
CA LYS A 128 -12.02 -2.07 -15.77
C LYS A 128 -12.22 -3.23 -16.76
N GLU A 129 -12.47 -2.91 -18.04
CA GLU A 129 -12.71 -3.90 -19.13
C GLU A 129 -11.47 -4.77 -19.34
N THR A 130 -10.27 -4.19 -19.30
CA THR A 130 -8.98 -4.92 -19.36
C THR A 130 -8.95 -5.98 -18.24
N ALA A 131 -9.27 -5.57 -17.01
CA ALA A 131 -9.26 -6.47 -15.83
C ALA A 131 -10.35 -7.53 -15.99
N GLU A 132 -11.53 -7.15 -16.48
CA GLU A 132 -12.68 -8.08 -16.66
C GLU A 132 -12.33 -9.17 -17.68
N ALA A 133 -11.76 -8.80 -18.84
CA ALA A 133 -11.33 -9.76 -19.89
C ALA A 133 -10.40 -10.81 -19.26
N TYR A 134 -9.47 -10.39 -18.40
CA TYR A 134 -8.46 -11.28 -17.78
C TYR A 134 -9.15 -12.18 -16.75
N LEU A 135 -9.97 -11.61 -15.86
CA LEU A 135 -10.55 -12.33 -14.71
C LEU A 135 -11.76 -13.17 -15.14
N GLY A 136 -12.41 -12.81 -16.24
CA GLY A 136 -13.67 -13.43 -16.70
C GLY A 136 -14.79 -13.24 -15.70
N LYS A 137 -14.73 -12.18 -14.89
CA LYS A 137 -15.76 -11.79 -13.89
C LYS A 137 -15.92 -10.27 -13.99
N LYS A 138 -17.07 -9.75 -13.56
CA LYS A 138 -17.27 -8.29 -13.42
C LYS A 138 -16.36 -7.76 -12.29
N VAL A 139 -15.75 -6.60 -12.53
CA VAL A 139 -14.93 -5.85 -11.54
C VAL A 139 -15.80 -4.71 -11.04
N THR A 140 -16.04 -4.66 -9.74
CA THR A 140 -16.98 -3.69 -9.11
C THR A 140 -16.24 -2.75 -8.16
N HIS A 141 -15.07 -3.14 -7.68
CA HIS A 141 -14.34 -2.43 -6.59
C HIS A 141 -12.91 -2.12 -7.00
N ALA A 142 -12.39 -0.96 -6.60
CA ALA A 142 -11.03 -0.56 -6.98
C ALA A 142 -10.36 0.26 -5.89
N VAL A 143 -9.03 0.16 -5.87
CA VAL A 143 -8.15 1.15 -5.21
C VAL A 143 -7.55 1.97 -6.34
N VAL A 144 -7.65 3.30 -6.26
CA VAL A 144 -7.16 4.20 -7.33
C VAL A 144 -6.13 5.12 -6.70
N THR A 145 -5.04 5.36 -7.41
CA THR A 145 -3.91 6.16 -6.88
C THR A 145 -4.02 7.59 -7.41
N VAL A 146 -3.45 8.54 -6.68
CA VAL A 146 -3.40 9.98 -7.04
C VAL A 146 -2.07 10.52 -6.56
N PRO A 147 -1.60 11.65 -7.12
CA PRO A 147 -0.42 12.35 -6.61
C PRO A 147 -0.63 12.76 -5.15
N ALA A 148 0.46 12.70 -4.37
CA ALA A 148 0.45 13.04 -2.92
C ALA A 148 -0.06 14.46 -2.71
N TYR A 149 0.16 15.36 -3.67
CA TYR A 149 -0.19 16.80 -3.58
C TYR A 149 -1.66 17.01 -3.95
N PHE A 150 -2.39 16.00 -4.43
CA PHE A 150 -3.83 16.17 -4.74
C PHE A 150 -4.57 16.63 -3.48
N ASN A 151 -5.43 17.64 -3.63
CA ASN A 151 -6.30 18.12 -2.52
C ASN A 151 -7.59 17.28 -2.49
N ASP A 152 -8.50 17.59 -1.58
CA ASP A 152 -9.76 16.83 -1.37
C ASP A 152 -10.63 16.87 -2.64
N ALA A 153 -10.74 18.04 -3.28
CA ALA A 153 -11.58 18.20 -4.51
C ALA A 153 -11.03 17.28 -5.61
N GLN A 154 -9.70 17.21 -5.75
CA GLN A 154 -9.03 16.40 -6.79
C GLN A 154 -9.23 14.91 -6.49
N ARG A 155 -9.20 14.55 -5.22
CA ARG A 155 -9.40 13.14 -4.77
C ARG A 155 -10.86 12.74 -5.00
N GLN A 156 -11.79 13.62 -4.65
CA GLN A 156 -13.24 13.33 -4.82
C GLN A 156 -13.57 13.25 -6.32
N ALA A 157 -13.01 14.13 -7.15
CA ALA A 157 -13.28 14.11 -8.61
C ALA A 157 -12.74 12.80 -9.20
N THR A 158 -11.60 12.33 -8.70
CA THR A 158 -11.03 11.02 -9.12
C THR A 158 -11.99 9.91 -8.67
N LYS A 159 -12.48 9.96 -7.44
CA LYS A 159 -13.49 8.98 -6.96
C LYS A 159 -14.69 9.01 -7.91
N ASP A 160 -15.16 10.20 -8.26
CA ASP A 160 -16.35 10.38 -9.13
C ASP A 160 -16.08 9.72 -10.49
N ALA A 161 -14.86 9.83 -11.02
CA ALA A 161 -14.49 9.22 -12.31
C ALA A 161 -14.67 7.71 -12.20
N GLY A 162 -14.21 7.11 -11.11
CA GLY A 162 -14.39 5.68 -10.87
C GLY A 162 -15.87 5.32 -10.76
N THR A 163 -16.65 6.08 -10.00
CA THR A 163 -18.10 5.84 -9.82
C THR A 163 -18.80 5.82 -11.19
N ILE A 164 -18.52 6.80 -12.03
CA ILE A 164 -19.08 6.91 -13.40
C ILE A 164 -18.68 5.68 -14.22
N ALA A 165 -17.46 5.16 -14.03
CA ALA A 165 -16.93 3.98 -14.75
C ALA A 165 -17.54 2.68 -14.20
N GLY A 166 -18.35 2.75 -13.13
CA GLY A 166 -18.99 1.58 -12.53
C GLY A 166 -18.13 0.92 -11.46
N LEU A 167 -17.18 1.65 -10.89
CA LEU A 167 -16.30 1.15 -9.82
C LEU A 167 -16.71 1.80 -8.50
N ASN A 168 -16.79 0.98 -7.47
CA ASN A 168 -16.77 1.45 -6.06
C ASN A 168 -15.30 1.67 -5.73
N VAL A 169 -14.87 2.94 -5.64
CA VAL A 169 -13.47 3.31 -5.28
C VAL A 169 -13.40 3.23 -3.75
N MET A 170 -12.91 2.11 -3.24
CA MET A 170 -12.88 1.82 -1.78
C MET A 170 -11.90 2.75 -1.09
N ARG A 171 -10.79 3.08 -1.76
N ARG A 171 -10.79 3.07 -1.76
CA ARG A 171 -9.71 3.94 -1.21
CA ARG A 171 -9.70 3.93 -1.21
C ARG A 171 -9.01 4.69 -2.35
C ARG A 171 -9.01 4.69 -2.35
N ILE A 172 -8.67 5.94 -2.09
CA ILE A 172 -7.73 6.75 -2.92
C ILE A 172 -6.42 6.73 -2.12
N ILE A 173 -5.31 6.28 -2.72
CA ILE A 173 -4.00 6.27 -2.01
C ILE A 173 -3.00 7.06 -2.85
N ASN A 174 -1.98 7.58 -2.20
CA ASN A 174 -0.91 8.39 -2.83
C ASN A 174 -0.02 7.49 -3.69
N GLU A 175 0.33 7.97 -4.88
CA GLU A 175 1.20 7.27 -5.86
C GLU A 175 2.51 6.84 -5.22
N PRO A 176 3.26 7.74 -4.54
CA PRO A 176 4.53 7.31 -3.96
C PRO A 176 4.35 6.23 -2.87
N THR A 177 3.26 6.32 -2.08
CA THR A 177 2.93 5.34 -1.04
C THR A 177 2.63 3.99 -1.70
N ALA A 178 1.87 3.96 -2.79
CA ALA A 178 1.59 2.74 -3.59
C ALA A 178 2.92 2.10 -4.02
N ALA A 179 3.87 2.88 -4.54
CA ALA A 179 5.18 2.38 -5.01
C ALA A 179 5.96 1.76 -3.82
N ALA A 180 5.96 2.41 -2.66
CA ALA A 180 6.62 1.94 -1.42
C ALA A 180 5.98 0.61 -0.97
N ILE A 181 4.65 0.54 -0.99
CA ILE A 181 3.89 -0.70 -0.68
C ILE A 181 4.28 -1.80 -1.67
N ALA A 182 4.43 -1.51 -2.97
CA ALA A 182 4.80 -2.52 -3.99
C ALA A 182 6.12 -3.18 -3.59
N TYR A 183 7.06 -2.42 -3.02
CA TYR A 183 8.39 -2.92 -2.60
C TYR A 183 8.37 -3.42 -1.15
N GLY A 184 7.19 -3.54 -0.54
CA GLY A 184 7.02 -4.08 0.82
C GLY A 184 7.71 -3.25 1.88
N LEU A 185 7.92 -1.95 1.63
CA LEU A 185 8.64 -1.05 2.59
C LEU A 185 7.73 -0.72 3.78
N ASP A 186 6.44 -1.06 3.73
CA ASP A 186 5.49 -0.82 4.84
C ASP A 186 5.67 -1.88 5.93
N LYS A 187 6.46 -2.92 5.66
CA LYS A 187 6.73 -4.05 6.59
C LYS A 187 8.07 -3.85 7.29
N ARG A 188 8.74 -2.73 7.02
CA ARG A 188 9.99 -2.32 7.73
C ARG A 188 9.65 -2.05 9.20
N GLU A 189 10.45 -2.56 10.13
CA GLU A 189 10.41 -2.17 11.57
C GLU A 189 11.29 -0.92 11.73
N GLY A 190 10.98 -0.08 12.72
CA GLY A 190 11.71 1.17 13.01
C GLY A 190 11.18 2.31 12.16
N GLU A 191 11.94 3.41 12.10
CA GLU A 191 11.67 4.57 11.20
C GLU A 191 12.56 4.43 9.96
N LYS A 192 11.98 4.53 8.76
CA LYS A 192 12.75 4.56 7.49
C LYS A 192 12.33 5.79 6.69
N ASN A 193 13.32 6.44 6.07
CA ASN A 193 13.14 7.55 5.09
C ASN A 193 13.22 6.96 3.69
N ILE A 194 12.18 7.19 2.91
CA ILE A 194 12.01 6.66 1.53
C ILE A 194 11.96 7.85 0.57
N LEU A 195 12.85 7.85 -0.43
CA LEU A 195 12.85 8.86 -1.50
C LEU A 195 12.23 8.19 -2.71
N VAL A 196 11.08 8.70 -3.16
CA VAL A 196 10.40 8.20 -4.37
C VAL A 196 10.69 9.21 -5.48
N PHE A 197 11.36 8.72 -6.51
CA PHE A 197 11.78 9.47 -7.71
C PHE A 197 10.93 8.95 -8.87
N ASP A 198 9.88 9.69 -9.22
CA ASP A 198 8.85 9.27 -10.19
C ASP A 198 8.94 10.16 -11.41
N LEU A 199 9.64 9.67 -12.44
CA LEU A 199 9.85 10.39 -13.73
C LEU A 199 8.96 9.70 -14.75
N GLY A 200 7.74 10.22 -14.89
CA GLY A 200 6.66 9.59 -15.68
C GLY A 200 6.66 10.09 -17.11
N GLY A 201 5.57 9.81 -17.82
CA GLY A 201 5.38 10.21 -19.22
C GLY A 201 5.29 11.71 -19.38
N GLY A 202 4.70 12.42 -18.40
CA GLY A 202 4.37 13.86 -18.58
C GLY A 202 4.75 14.73 -17.40
N ALA A 203 5.14 14.12 -16.28
CA ALA A 203 5.40 14.87 -15.04
C ALA A 203 6.45 14.12 -14.21
N PHE A 204 7.13 14.89 -13.37
CA PHE A 204 8.24 14.42 -12.52
C PHE A 204 7.89 14.76 -11.07
N ASP A 205 7.75 13.74 -10.24
CA ASP A 205 7.36 13.89 -8.81
C ASP A 205 8.43 13.24 -7.94
N VAL A 206 8.98 14.01 -7.01
CA VAL A 206 9.89 13.52 -5.96
C VAL A 206 9.14 13.63 -4.64
N SER A 207 9.13 12.56 -3.88
CA SER A 207 8.40 12.50 -2.58
C SER A 207 9.33 11.92 -1.54
N LEU A 208 9.36 12.55 -0.37
CA LEU A 208 10.04 11.99 0.82
C LEU A 208 8.94 11.45 1.73
N LEU A 209 8.89 10.13 1.87
CA LEU A 209 7.97 9.42 2.78
C LEU A 209 8.75 8.93 3.99
N THR A 210 8.14 8.99 5.18
CA THR A 210 8.62 8.25 6.37
C THR A 210 7.65 7.09 6.59
N ILE A 211 8.19 5.93 6.95
CA ILE A 211 7.41 4.77 7.48
C ILE A 211 7.92 4.61 8.92
N ASP A 212 7.02 4.69 9.90
CA ASP A 212 7.37 4.60 11.34
C ASP A 212 6.29 3.76 12.03
N ASN A 213 6.60 2.49 12.30
CA ASN A 213 5.75 1.60 13.11
C ASN A 213 4.37 1.54 12.44
N GLY A 214 4.35 1.34 11.12
CA GLY A 214 3.14 1.07 10.33
C GLY A 214 2.46 2.32 9.77
N VAL A 215 2.92 3.52 10.13
CA VAL A 215 2.31 4.80 9.68
C VAL A 215 3.22 5.40 8.59
N PHE A 216 2.64 5.66 7.42
CA PHE A 216 3.25 6.41 6.29
C PHE A 216 2.95 7.89 6.46
N GLU A 217 3.96 8.75 6.32
CA GLU A 217 3.78 10.21 6.24
C GLU A 217 4.49 10.71 4.99
N VAL A 218 3.80 11.50 4.18
CA VAL A 218 4.42 12.29 3.09
C VAL A 218 4.94 13.57 3.74
N VAL A 219 6.26 13.67 3.89
CA VAL A 219 6.95 14.77 4.62
C VAL A 219 7.15 15.95 3.67
N ALA A 220 7.54 15.69 2.42
CA ALA A 220 7.86 16.74 1.44
C ALA A 220 7.70 16.21 0.01
N THR A 221 7.27 17.09 -0.89
CA THR A 221 7.11 16.77 -2.33
C THR A 221 7.72 17.91 -3.14
N ASN A 222 8.33 17.56 -4.27
CA ASN A 222 8.77 18.54 -5.28
C ASN A 222 8.75 17.84 -6.64
N GLY A 223 9.34 18.48 -7.64
CA GLY A 223 9.43 17.92 -9.00
C GLY A 223 9.14 19.00 -10.02
N ASP A 224 8.67 18.58 -11.17
CA ASP A 224 8.37 19.47 -12.30
C ASP A 224 7.13 18.89 -12.96
N THR A 225 6.03 19.66 -12.97
CA THR A 225 4.68 19.17 -13.37
C THR A 225 4.67 18.93 -14.87
N HIS A 226 5.65 19.47 -15.60
CA HIS A 226 5.71 19.44 -17.09
C HIS A 226 7.04 18.86 -17.59
N LEU A 227 7.68 17.99 -16.82
CA LEU A 227 8.90 17.26 -17.29
C LEU A 227 8.61 15.76 -17.24
N GLY A 228 8.74 15.08 -18.38
CA GLY A 228 8.50 13.62 -18.45
C GLY A 228 9.11 12.99 -19.69
N GLY A 229 8.93 11.68 -19.83
CA GLY A 229 9.47 10.89 -20.94
C GLY A 229 9.11 11.49 -22.29
N GLU A 230 7.92 12.07 -22.41
CA GLU A 230 7.43 12.62 -23.70
C GLU A 230 8.30 13.81 -24.12
N ASP A 231 8.87 14.55 -23.18
CA ASP A 231 9.81 15.67 -23.46
C ASP A 231 11.11 15.15 -24.07
N PHE A 232 11.61 13.98 -23.64
CA PHE A 232 12.82 13.35 -24.22
C PHE A 232 12.49 12.86 -25.63
N ASP A 233 11.29 12.34 -25.81
CA ASP A 233 10.76 11.92 -27.14
C ASP A 233 10.70 13.15 -28.05
N GLN A 234 10.18 14.27 -27.53
CA GLN A 234 10.02 15.54 -28.26
C GLN A 234 11.40 16.04 -28.73
N ARG A 235 12.44 15.98 -27.89
CA ARG A 235 13.82 16.40 -28.25
C ARG A 235 14.33 15.56 -29.44
N VAL A 236 14.08 14.25 -29.43
CA VAL A 236 14.52 13.31 -30.50
C VAL A 236 13.71 13.58 -31.78
N MET A 237 12.39 13.78 -31.64
CA MET A 237 11.48 14.13 -32.77
C MET A 237 11.99 15.38 -33.48
N GLU A 238 12.37 16.40 -32.72
CA GLU A 238 12.85 17.72 -33.21
C GLU A 238 14.10 17.50 -34.06
N HIS A 239 15.08 16.81 -33.48
CA HIS A 239 16.36 16.41 -34.11
C HIS A 239 16.12 15.77 -35.48
N PHE A 240 15.26 14.75 -35.55
CA PHE A 240 15.10 13.91 -36.77
C PHE A 240 14.26 14.65 -37.83
N ILE A 241 13.38 15.55 -37.40
CA ILE A 241 12.55 16.39 -38.31
C ILE A 241 13.46 17.43 -38.98
N LYS A 242 14.36 18.06 -38.23
CA LYS A 242 15.41 18.96 -38.77
C LYS A 242 16.26 18.15 -39.74
N LEU A 243 16.80 17.01 -39.28
CA LEU A 243 17.76 16.17 -40.05
C LEU A 243 17.11 15.77 -41.38
N TYR A 244 15.84 15.36 -41.37
CA TYR A 244 15.13 14.87 -42.58
C TYR A 244 14.97 16.02 -43.58
N LYS A 245 14.65 17.22 -43.08
CA LYS A 245 14.45 18.41 -43.93
C LYS A 245 15.79 18.79 -44.60
N LYS A 246 16.88 18.78 -43.83
CA LYS A 246 18.25 19.05 -44.37
C LYS A 246 18.52 18.10 -45.55
N LYS A 247 18.22 16.81 -45.37
CA LYS A 247 18.69 15.71 -46.26
C LYS A 247 17.72 15.51 -47.44
N THR A 248 16.48 15.97 -47.36
CA THR A 248 15.44 15.77 -48.41
C THR A 248 14.75 17.10 -48.80
N GLY A 249 14.81 18.12 -47.96
CA GLY A 249 14.05 19.38 -48.13
C GLY A 249 12.57 19.22 -47.83
N LYS A 250 12.14 18.04 -47.35
CA LYS A 250 10.72 17.76 -47.01
C LYS A 250 10.46 18.14 -45.54
N ASP A 251 9.36 18.84 -45.29
CA ASP A 251 8.95 19.35 -43.95
C ASP A 251 7.87 18.40 -43.40
N VAL A 252 8.26 17.49 -42.52
CA VAL A 252 7.42 16.36 -42.02
C VAL A 252 6.30 16.90 -41.11
N ARG A 253 6.45 18.08 -40.51
CA ARG A 253 5.63 18.50 -39.33
C ARG A 253 4.14 18.53 -39.69
N LYS A 254 3.78 18.92 -40.92
CA LYS A 254 2.36 19.11 -41.32
C LYS A 254 1.72 17.78 -41.75
N ASP A 255 2.51 16.71 -41.91
CA ASP A 255 1.98 15.35 -42.27
C ASP A 255 1.80 14.52 -41.00
N ASN A 256 0.55 14.40 -40.54
CA ASN A 256 0.14 13.69 -39.29
C ASN A 256 0.68 12.25 -39.28
N ARG A 257 0.53 11.53 -40.40
CA ARG A 257 0.89 10.09 -40.53
C ARG A 257 2.40 9.89 -40.35
N ALA A 258 3.20 10.68 -41.08
CA ALA A 258 4.68 10.68 -41.00
C ALA A 258 5.12 10.93 -39.56
N VAL A 259 4.61 12.00 -38.95
CA VAL A 259 4.91 12.42 -37.55
C VAL A 259 4.58 11.26 -36.60
N GLN A 260 3.39 10.66 -36.75
CA GLN A 260 2.88 9.60 -35.84
C GLN A 260 3.78 8.37 -35.95
N LYS A 261 4.21 8.02 -37.17
CA LYS A 261 5.12 6.86 -37.39
C LYS A 261 6.50 7.13 -36.77
N LEU A 262 6.96 8.39 -36.82
CA LEU A 262 8.29 8.78 -36.29
C LEU A 262 8.27 8.71 -34.76
N ARG A 263 7.26 9.33 -34.13
CA ARG A 263 6.98 9.26 -32.66
C ARG A 263 7.08 7.80 -32.21
N ARG A 264 6.33 6.93 -32.89
CA ARG A 264 6.22 5.48 -32.62
C ARG A 264 7.63 4.86 -32.58
N GLU A 265 8.40 5.06 -33.65
CA GLU A 265 9.77 4.48 -33.80
C GLU A 265 10.74 5.14 -32.82
N VAL A 266 10.52 6.43 -32.51
CA VAL A 266 11.37 7.22 -31.57
C VAL A 266 11.19 6.66 -30.15
N GLU A 267 9.98 6.30 -29.77
CA GLU A 267 9.68 5.68 -28.44
C GLU A 267 10.38 4.33 -28.32
N LYS A 268 10.30 3.49 -29.36
CA LYS A 268 10.92 2.14 -29.36
C LYS A 268 12.44 2.28 -29.32
N ALA A 269 12.99 3.26 -30.05
CA ALA A 269 14.43 3.59 -30.07
C ALA A 269 14.86 3.97 -28.64
N LYS A 270 14.11 4.85 -27.99
CA LYS A 270 14.40 5.30 -26.60
C LYS A 270 14.52 4.08 -25.68
N ARG A 271 13.58 3.13 -25.79
CA ARG A 271 13.56 1.89 -24.95
C ARG A 271 14.81 1.07 -25.26
N ALA A 272 15.10 0.85 -26.54
CA ALA A 272 16.28 0.08 -27.01
C ALA A 272 17.54 0.69 -26.39
N LEU A 273 17.63 2.03 -26.36
CA LEU A 273 18.84 2.75 -25.89
C LEU A 273 18.99 2.61 -24.37
N SER A 274 17.99 2.07 -23.67
CA SER A 274 18.11 1.70 -22.24
C SER A 274 18.77 0.32 -22.11
N SER A 275 18.85 -0.45 -23.20
CA SER A 275 19.40 -1.83 -23.24
C SER A 275 20.71 -1.89 -24.05
N GLN A 276 20.89 -1.01 -25.04
CA GLN A 276 22.07 -1.00 -25.95
C GLN A 276 22.43 0.44 -26.33
N HIS A 277 23.53 0.64 -27.07
CA HIS A 277 24.16 1.97 -27.28
C HIS A 277 23.82 2.58 -28.64
N GLN A 278 23.09 1.87 -29.50
CA GLN A 278 22.52 2.47 -30.72
C GLN A 278 21.24 1.73 -31.10
N ALA A 279 20.37 2.43 -31.83
CA ALA A 279 19.07 1.93 -32.32
C ALA A 279 18.88 2.44 -33.76
N ARG A 280 18.39 1.59 -34.65
CA ARG A 280 18.03 1.94 -36.05
C ARG A 280 16.55 2.32 -36.08
N ILE A 281 16.24 3.50 -36.61
CA ILE A 281 14.84 3.92 -36.90
C ILE A 281 14.64 3.78 -38.41
N GLU A 282 13.78 2.84 -38.81
CA GLU A 282 13.48 2.53 -40.23
C GLU A 282 11.95 2.58 -40.41
N ILE A 283 11.48 3.41 -41.34
CA ILE A 283 10.04 3.54 -41.70
C ILE A 283 9.91 3.43 -43.22
N GLU A 284 9.35 2.31 -43.71
CA GLU A 284 9.00 2.09 -45.14
C GLU A 284 7.76 2.95 -45.47
N SER A 285 7.77 3.63 -46.62
CA SER A 285 6.67 4.51 -47.10
C SER A 285 6.45 5.65 -46.10
N PHE A 286 7.54 6.31 -45.69
CA PHE A 286 7.57 7.32 -44.60
C PHE A 286 6.89 8.61 -45.06
N PHE A 287 7.45 9.23 -46.10
CA PHE A 287 6.96 10.54 -46.63
C PHE A 287 6.98 10.47 -48.15
N GLU A 288 5.82 10.69 -48.77
CA GLU A 288 5.61 10.54 -50.23
C GLU A 288 6.12 9.16 -50.61
N GLY A 289 7.05 9.04 -51.56
CA GLY A 289 7.58 7.73 -51.97
C GLY A 289 8.52 7.16 -50.91
N GLU A 290 9.32 8.02 -50.28
CA GLU A 290 10.65 7.65 -49.72
C GLU A 290 10.51 7.04 -48.32
N ASP A 291 11.46 6.17 -47.99
CA ASP A 291 11.63 5.54 -46.65
C ASP A 291 12.36 6.53 -45.73
N PHE A 292 12.44 6.19 -44.44
CA PHE A 292 13.29 6.83 -43.40
C PHE A 292 14.26 5.75 -42.91
N SER A 293 15.51 6.12 -42.69
CA SER A 293 16.55 5.21 -42.15
C SER A 293 17.68 6.05 -41.52
N GLU A 294 17.67 6.14 -40.19
CA GLU A 294 18.70 6.85 -39.39
C GLU A 294 19.04 5.99 -38.17
N THR A 295 20.26 6.11 -37.66
CA THR A 295 20.69 5.51 -36.38
C THR A 295 20.68 6.59 -35.30
N LEU A 296 20.20 6.24 -34.11
CA LEU A 296 20.30 7.09 -32.90
C LEU A 296 21.23 6.37 -31.92
N THR A 297 22.31 7.02 -31.54
CA THR A 297 23.24 6.52 -30.51
C THR A 297 22.67 6.94 -29.15
N ARG A 298 23.05 6.22 -28.10
CA ARG A 298 22.74 6.59 -26.70
C ARG A 298 23.37 7.96 -26.42
N ALA A 299 24.62 8.16 -26.85
CA ALA A 299 25.38 9.43 -26.66
C ALA A 299 24.58 10.61 -27.22
N LYS A 300 24.02 10.47 -28.42
CA LYS A 300 23.21 11.53 -29.08
C LYS A 300 21.90 11.75 -28.30
N PHE A 301 21.24 10.66 -27.89
CA PHE A 301 20.00 10.68 -27.06
C PHE A 301 20.26 11.46 -25.78
N GLU A 302 21.37 11.14 -25.10
CA GLU A 302 21.83 11.81 -23.85
C GLU A 302 22.14 13.28 -24.12
N GLU A 303 22.86 13.58 -25.21
CA GLU A 303 23.26 14.95 -25.58
C GLU A 303 22.01 15.81 -25.84
N LEU A 304 21.01 15.28 -26.54
CA LEU A 304 19.78 16.04 -26.88
C LEU A 304 18.97 16.34 -25.60
N ASN A 305 19.23 15.64 -24.49
CA ASN A 305 18.35 15.65 -23.29
C ASN A 305 19.11 15.99 -22.00
N MET A 306 20.43 16.24 -22.06
CA MET A 306 21.28 16.25 -20.84
C MET A 306 20.79 17.34 -19.87
N ASP A 307 20.37 18.49 -20.39
CA ASP A 307 19.88 19.62 -19.56
C ASP A 307 18.61 19.19 -18.82
N LEU A 308 17.69 18.50 -19.50
CA LEU A 308 16.45 17.96 -18.87
C LEU A 308 16.85 16.92 -17.82
N PHE A 309 17.73 15.97 -18.15
CA PHE A 309 18.18 14.91 -17.23
C PHE A 309 18.77 15.53 -15.96
N ARG A 310 19.70 16.48 -16.11
N ARG A 310 19.71 16.47 -16.11
CA ARG A 310 20.43 17.12 -14.99
CA ARG A 310 20.43 17.11 -14.99
C ARG A 310 19.43 17.85 -14.07
C ARG A 310 19.43 17.86 -14.08
N SER A 311 18.38 18.46 -14.65
CA SER A 311 17.38 19.29 -13.92
C SER A 311 16.60 18.44 -12.91
N THR A 312 16.56 17.11 -13.06
CA THR A 312 15.80 16.22 -12.14
C THR A 312 16.44 16.20 -10.75
N MET A 313 17.70 16.61 -10.60
CA MET A 313 18.45 16.53 -9.32
C MET A 313 18.01 17.66 -8.37
N LYS A 314 17.66 18.82 -8.91
CA LYS A 314 17.32 20.04 -8.13
C LYS A 314 16.11 19.75 -7.23
N PRO A 315 14.98 19.25 -7.76
CA PRO A 315 13.85 18.85 -6.91
C PRO A 315 14.24 17.86 -5.79
N VAL A 316 15.18 16.95 -6.05
CA VAL A 316 15.66 15.98 -5.03
C VAL A 316 16.36 16.75 -3.89
N GLN A 317 17.28 17.67 -4.22
CA GLN A 317 17.95 18.48 -3.16
C GLN A 317 16.87 19.26 -2.37
N LYS A 318 15.84 19.79 -3.03
CA LYS A 318 14.78 20.60 -2.37
C LYS A 318 13.98 19.76 -1.38
N VAL A 319 13.61 18.50 -1.70
CA VAL A 319 12.81 17.68 -0.73
C VAL A 319 13.71 17.31 0.46
N LEU A 320 15.00 17.04 0.23
CA LEU A 320 15.94 16.74 1.34
C LEU A 320 16.03 17.95 2.28
N GLU A 321 16.11 19.16 1.71
CA GLU A 321 16.14 20.43 2.48
C GLU A 321 14.83 20.59 3.24
N ASP A 322 13.70 20.55 2.55
CA ASP A 322 12.34 20.73 3.15
C ASP A 322 12.11 19.68 4.25
N SER A 323 12.67 18.47 4.10
CA SER A 323 12.56 17.35 5.08
C SER A 323 13.61 17.47 6.17
N ASP A 324 14.55 18.41 6.00
CA ASP A 324 15.74 18.57 6.86
C ASP A 324 16.49 17.23 6.98
N LEU A 325 16.77 16.56 5.85
CA LEU A 325 17.49 15.26 5.85
C LEU A 325 18.80 15.38 5.04
N LYS A 326 19.81 14.61 5.43
CA LYS A 326 21.08 14.42 4.68
C LYS A 326 20.86 13.27 3.68
N LYS A 327 21.69 13.19 2.64
CA LYS A 327 21.68 12.08 1.64
C LYS A 327 21.80 10.73 2.37
N SER A 328 22.61 10.67 3.43
CA SER A 328 22.87 9.45 4.21
C SER A 328 21.64 9.07 5.04
N ASP A 329 20.68 9.98 5.23
CA ASP A 329 19.43 9.71 5.99
C ASP A 329 18.44 8.89 5.15
N ILE A 330 18.60 8.85 3.83
CA ILE A 330 17.69 8.11 2.91
C ILE A 330 18.00 6.61 3.00
N ASP A 331 17.04 5.82 3.47
CA ASP A 331 17.15 4.36 3.71
C ASP A 331 16.85 3.64 2.41
N GLU A 332 15.91 4.16 1.61
CA GLU A 332 15.40 3.47 0.41
C GLU A 332 15.16 4.49 -0.69
N ILE A 333 15.63 4.19 -1.89
CA ILE A 333 15.34 4.99 -3.11
C ILE A 333 14.43 4.12 -3.97
N VAL A 334 13.24 4.63 -4.30
CA VAL A 334 12.27 3.90 -5.17
C VAL A 334 12.14 4.66 -6.49
N LEU A 335 12.50 4.00 -7.60
CA LEU A 335 12.37 4.54 -8.97
C LEU A 335 11.01 4.14 -9.53
N VAL A 336 10.23 5.13 -9.95
CA VAL A 336 8.89 4.98 -10.57
C VAL A 336 8.91 5.68 -11.92
N GLY A 337 8.23 5.08 -12.91
CA GLY A 337 8.09 5.59 -14.29
C GLY A 337 9.10 4.99 -15.23
N GLY A 338 8.69 4.80 -16.50
CA GLY A 338 9.50 4.27 -17.61
C GLY A 338 10.85 4.95 -17.72
N SER A 339 10.88 6.27 -17.57
CA SER A 339 12.07 7.13 -17.78
C SER A 339 13.20 6.78 -16.81
N THR A 340 12.90 6.15 -15.67
CA THR A 340 13.94 5.78 -14.66
C THR A 340 14.70 4.55 -15.16
N ARG A 341 14.31 3.96 -16.30
CA ARG A 341 15.09 2.89 -16.97
C ARG A 341 16.27 3.51 -17.72
N ILE A 342 16.22 4.81 -18.01
CA ILE A 342 17.28 5.50 -18.80
C ILE A 342 18.57 5.42 -17.98
N PRO A 343 19.62 4.74 -18.50
CA PRO A 343 20.88 4.61 -17.77
C PRO A 343 21.43 5.94 -17.22
N LYS A 344 21.36 7.02 -17.99
CA LYS A 344 21.86 8.35 -17.55
C LYS A 344 21.09 8.77 -16.29
N ILE A 345 19.77 8.56 -16.28
CA ILE A 345 18.94 8.96 -15.10
C ILE A 345 19.37 8.09 -13.91
N GLN A 346 19.50 6.78 -14.10
CA GLN A 346 19.95 5.87 -13.01
C GLN A 346 21.31 6.32 -12.47
N GLN A 347 22.25 6.66 -13.36
CA GLN A 347 23.61 7.15 -13.01
C GLN A 347 23.48 8.42 -12.14
N LEU A 348 22.78 9.43 -12.63
CA LEU A 348 22.59 10.73 -11.92
C LEU A 348 22.04 10.47 -10.52
N VAL A 349 21.02 9.61 -10.37
CA VAL A 349 20.41 9.34 -9.03
C VAL A 349 21.44 8.64 -8.13
N LYS A 350 22.05 7.56 -8.62
CA LYS A 350 23.05 6.78 -7.85
C LYS A 350 24.21 7.70 -7.42
N GLU A 351 24.72 8.52 -8.34
CA GLU A 351 25.84 9.45 -8.06
C GLU A 351 25.41 10.48 -7.01
N PHE A 352 24.21 11.04 -7.17
CA PHE A 352 23.64 12.00 -6.20
C PHE A 352 23.68 11.39 -4.80
N PHE A 353 23.41 10.09 -4.66
CA PHE A 353 23.33 9.38 -3.36
C PHE A 353 24.62 8.59 -3.09
N ASN A 354 25.73 9.03 -3.68
CA ASN A 354 27.10 8.47 -3.39
C ASN A 354 27.08 6.94 -3.52
N GLY A 355 26.50 6.42 -4.60
CA GLY A 355 26.59 5.00 -5.00
C GLY A 355 25.50 4.11 -4.41
N LYS A 356 24.60 4.63 -3.59
CA LYS A 356 23.46 3.86 -3.03
C LYS A 356 22.59 3.31 -4.16
N GLU A 357 22.34 2.00 -4.15
CA GLU A 357 21.51 1.28 -5.15
C GLU A 357 20.04 1.54 -4.84
N PRO A 358 19.20 1.86 -5.83
CA PRO A 358 17.76 1.92 -5.61
C PRO A 358 17.15 0.53 -5.45
N SER A 359 15.88 0.46 -5.04
CA SER A 359 15.05 -0.76 -5.04
C SER A 359 14.98 -1.30 -6.47
N ARG A 360 14.91 -2.62 -6.63
CA ARG A 360 14.86 -3.28 -7.96
C ARG A 360 13.92 -4.48 -7.86
N GLY A 361 13.30 -4.86 -8.97
CA GLY A 361 12.49 -6.09 -9.07
C GLY A 361 11.12 -5.84 -9.65
N ILE A 362 10.59 -4.62 -9.53
CA ILE A 362 9.26 -4.28 -10.12
C ILE A 362 9.50 -3.32 -11.29
N ASN A 363 8.84 -3.58 -12.41
N ASN A 363 8.83 -3.57 -12.41
CA ASN A 363 8.79 -2.67 -13.59
CA ASN A 363 8.83 -2.66 -13.58
C ASN A 363 8.40 -1.29 -13.07
C ASN A 363 8.39 -1.28 -13.10
N PRO A 364 9.23 -0.23 -13.27
CA PRO A 364 8.89 1.10 -12.76
C PRO A 364 7.60 1.70 -13.33
N ASP A 365 7.20 1.33 -14.56
CA ASP A 365 5.91 1.74 -15.18
C ASP A 365 4.72 1.10 -14.45
N GLU A 366 4.96 0.02 -13.69
CA GLU A 366 3.90 -0.85 -13.12
C GLU A 366 3.88 -0.80 -11.58
N ALA A 367 4.88 -0.18 -10.94
CA ALA A 367 5.05 -0.22 -9.47
C ALA A 367 3.84 0.41 -8.75
N VAL A 368 3.29 1.52 -9.26
CA VAL A 368 2.15 2.21 -8.58
C VAL A 368 0.90 1.30 -8.64
N ALA A 369 0.58 0.75 -9.81
CA ALA A 369 -0.58 -0.18 -9.95
C ALA A 369 -0.35 -1.42 -9.07
N TYR A 370 0.89 -1.88 -8.99
CA TYR A 370 1.32 -3.05 -8.18
C TYR A 370 0.95 -2.80 -6.71
N GLY A 371 1.41 -1.67 -6.17
CA GLY A 371 1.10 -1.23 -4.81
C GLY A 371 -0.40 -1.10 -4.60
N ALA A 372 -1.14 -0.53 -5.56
CA ALA A 372 -2.61 -0.37 -5.44
C ALA A 372 -3.26 -1.75 -5.38
N ALA A 373 -2.75 -2.70 -6.17
CA ALA A 373 -3.25 -4.09 -6.25
C ALA A 373 -3.02 -4.82 -4.93
N VAL A 374 -1.86 -4.61 -4.30
CA VAL A 374 -1.55 -5.17 -2.96
C VAL A 374 -2.59 -4.67 -1.96
N GLN A 375 -2.86 -3.35 -1.98
CA GLN A 375 -3.77 -2.66 -1.03
C GLN A 375 -5.21 -3.14 -1.31
N ALA A 376 -5.56 -3.31 -2.59
CA ALA A 376 -6.83 -3.92 -3.04
C ALA A 376 -6.98 -5.32 -2.45
N GLY A 377 -5.93 -6.14 -2.52
CA GLY A 377 -5.89 -7.50 -1.94
C GLY A 377 -6.29 -7.48 -0.46
N VAL A 378 -5.72 -6.56 0.32
CA VAL A 378 -6.01 -6.44 1.78
C VAL A 378 -7.48 -6.07 1.97
N LEU A 379 -8.04 -5.22 1.11
CA LEU A 379 -9.41 -4.68 1.31
C LEU A 379 -10.48 -5.70 0.90
N SER A 380 -10.16 -6.69 0.05
CA SER A 380 -11.10 -7.78 -0.29
C SER A 380 -11.34 -8.67 0.95
N GLY A 381 -10.42 -8.63 1.93
CA GLY A 381 -10.55 -9.31 3.23
C GLY A 381 -11.74 -8.81 4.06
N ASP A 382 -12.30 -7.67 3.68
CA ASP A 382 -13.47 -7.03 4.34
C ASP A 382 -14.68 -7.97 4.29
N GLN A 383 -14.72 -8.91 3.34
CA GLN A 383 -15.84 -9.86 3.08
C GLN A 383 -15.70 -11.15 3.88
N ASP A 384 -14.56 -11.37 4.54
CA ASP A 384 -14.25 -12.64 5.26
C ASP A 384 -14.99 -12.65 6.60
N THR A 385 -15.14 -13.83 7.21
CA THR A 385 -15.82 -13.99 8.52
C THR A 385 -14.77 -14.24 9.60
N GLY A 386 -14.99 -13.67 10.79
CA GLY A 386 -14.13 -13.88 11.98
C GLY A 386 -14.38 -15.26 12.56
N ASP A 387 -13.36 -16.12 12.49
CA ASP A 387 -13.40 -17.56 12.86
C ASP A 387 -12.65 -17.78 14.17
N LEU A 388 -12.70 -16.79 15.06
CA LEU A 388 -12.13 -16.80 16.44
C LEU A 388 -13.26 -17.06 17.43
N VAL A 389 -12.95 -17.77 18.51
CA VAL A 389 -13.86 -17.98 19.67
C VAL A 389 -13.21 -17.26 20.86
N LEU A 390 -13.99 -16.46 21.59
CA LEU A 390 -13.51 -15.84 22.85
C LEU A 390 -13.38 -16.95 23.90
N LEU A 391 -12.24 -17.08 24.55
CA LEU A 391 -12.10 -17.98 25.72
C LEU A 391 -12.36 -17.19 26.99
N ASP A 392 -13.11 -17.77 27.92
CA ASP A 392 -13.20 -17.31 29.32
C ASP A 392 -12.02 -17.95 30.04
N VAL A 393 -11.07 -17.16 30.56
CA VAL A 393 -9.86 -17.72 31.23
C VAL A 393 -9.67 -17.06 32.59
N CYS A 394 -9.01 -17.73 33.52
N CYS A 394 -8.97 -17.76 33.47
CA CYS A 394 -8.71 -17.15 34.86
CA CYS A 394 -8.49 -17.29 34.81
C CYS A 394 -7.50 -16.23 34.72
C CYS A 394 -7.46 -16.18 34.59
N PRO A 395 -7.66 -14.93 35.05
CA PRO A 395 -6.68 -13.88 34.76
C PRO A 395 -5.33 -14.03 35.49
N LEU A 396 -5.35 -14.64 36.69
CA LEU A 396 -4.14 -14.80 37.52
C LEU A 396 -4.08 -16.22 38.05
N THR A 397 -2.86 -16.76 38.17
CA THR A 397 -2.60 -18.09 38.76
C THR A 397 -3.24 -18.13 40.15
N LEU A 398 -3.91 -19.22 40.46
CA LEU A 398 -4.51 -19.48 41.78
C LEU A 398 -3.78 -20.68 42.40
N GLY A 399 -3.51 -20.64 43.70
CA GLY A 399 -2.79 -21.75 44.35
C GLY A 399 -2.85 -21.67 45.85
N ILE A 400 -2.11 -22.54 46.50
CA ILE A 400 -2.06 -22.54 47.99
C ILE A 400 -0.59 -22.40 48.42
N GLU A 401 -0.43 -22.02 49.68
CA GLU A 401 0.90 -21.93 50.31
C GLU A 401 1.33 -23.34 50.71
N THR A 402 2.51 -23.75 50.28
CA THR A 402 3.15 -24.99 50.80
C THR A 402 4.36 -24.57 51.65
N VAL A 403 4.93 -25.54 52.37
CA VAL A 403 6.03 -25.31 53.35
C VAL A 403 7.07 -24.36 52.75
N GLY A 404 7.49 -23.37 53.55
CA GLY A 404 8.51 -22.36 53.17
C GLY A 404 7.88 -21.10 52.61
N GLY A 405 6.55 -20.99 52.63
CA GLY A 405 5.86 -19.81 52.07
C GLY A 405 5.90 -19.85 50.55
N VAL A 406 5.78 -21.04 49.97
CA VAL A 406 5.89 -21.29 48.50
C VAL A 406 4.50 -21.23 47.87
N MET A 407 4.37 -20.52 46.76
CA MET A 407 3.15 -20.49 45.92
C MET A 407 3.09 -21.77 45.10
N THR A 408 2.18 -22.69 45.44
CA THR A 408 2.01 -23.96 44.69
C THR A 408 0.72 -23.83 43.86
N LYS A 409 0.83 -23.81 42.53
CA LYS A 409 -0.35 -23.48 41.70
C LYS A 409 -1.29 -24.68 41.57
N LEU A 410 -2.58 -24.38 41.56
CA LEU A 410 -3.68 -25.35 41.28
C LEU A 410 -4.29 -24.95 39.93
N ILE A 411 -4.51 -23.66 39.70
CA ILE A 411 -5.12 -23.19 38.42
C ILE A 411 -4.18 -22.18 37.80
N PRO A 412 -3.41 -22.58 36.78
CA PRO A 412 -2.52 -21.66 36.09
C PRO A 412 -3.30 -20.51 35.43
N ARG A 413 -2.68 -19.33 35.42
CA ARG A 413 -3.17 -18.19 34.63
C ARG A 413 -3.47 -18.67 33.20
N ASN A 414 -4.60 -18.23 32.63
CA ASN A 414 -5.08 -18.51 31.25
C ASN A 414 -5.66 -19.92 31.12
N THR A 415 -5.92 -20.58 32.26
CA THR A 415 -6.74 -21.81 32.27
C THR A 415 -8.15 -21.42 31.84
N VAL A 416 -8.75 -22.17 30.93
CA VAL A 416 -10.17 -21.95 30.52
C VAL A 416 -11.06 -22.26 31.72
N VAL A 417 -12.09 -21.42 31.95
CA VAL A 417 -13.07 -21.57 33.07
C VAL A 417 -14.45 -21.68 32.44
N PRO A 418 -15.42 -22.38 33.08
CA PRO A 418 -15.24 -23.03 34.37
C PRO A 418 -14.27 -24.21 34.33
N THR A 419 -13.76 -24.59 35.50
CA THR A 419 -12.71 -25.63 35.59
C THR A 419 -12.72 -26.22 36.99
N LYS A 420 -12.11 -27.39 37.09
CA LYS A 420 -11.82 -28.06 38.37
C LYS A 420 -10.43 -28.67 38.25
N LYS A 421 -9.53 -28.32 39.16
CA LYS A 421 -8.14 -28.83 39.17
C LYS A 421 -7.84 -29.31 40.58
N SER A 422 -7.14 -30.45 40.68
N SER A 422 -7.17 -30.45 40.70
CA SER A 422 -6.77 -31.12 41.96
CA SER A 422 -6.77 -31.02 42.02
C SER A 422 -5.27 -31.41 41.97
C SER A 422 -5.30 -31.43 41.99
N GLN A 423 -4.66 -31.34 43.16
CA GLN A 423 -3.32 -31.89 43.44
C GLN A 423 -3.38 -32.59 44.79
N ILE A 424 -2.44 -33.50 45.02
CA ILE A 424 -2.31 -34.24 46.30
C ILE A 424 -1.20 -33.59 47.11
N PHE A 425 -1.50 -33.35 48.38
CA PHE A 425 -0.61 -32.74 49.39
C PHE A 425 -0.52 -33.68 50.57
N SER A 426 0.53 -33.53 51.37
CA SER A 426 0.69 -34.35 52.58
C SER A 426 1.27 -33.48 53.69
N THR A 427 1.51 -34.14 54.82
CA THR A 427 2.05 -33.52 56.05
C THR A 427 3.54 -33.24 55.89
N ALA A 428 4.01 -32.21 56.59
CA ALA A 428 5.42 -31.82 56.75
C ALA A 428 6.08 -32.51 57.96
N SER A 429 5.30 -33.02 58.92
CA SER A 429 5.77 -33.59 60.22
C SER A 429 5.04 -34.91 60.53
N ASP A 430 5.72 -35.84 61.21
CA ASP A 430 5.11 -37.12 61.65
C ASP A 430 3.85 -36.80 62.48
N ASN A 431 2.73 -37.47 62.19
CA ASN A 431 1.49 -37.41 63.00
C ASN A 431 0.95 -35.96 63.03
N GLN A 432 1.32 -35.12 62.06
CA GLN A 432 0.73 -33.75 61.94
C GLN A 432 -0.79 -33.90 61.93
N PRO A 433 -1.53 -33.23 62.84
CA PRO A 433 -2.99 -33.42 62.94
C PRO A 433 -3.84 -32.40 62.17
N THR A 434 -3.23 -31.31 61.70
CA THR A 434 -3.98 -30.18 61.07
C THR A 434 -3.22 -29.66 59.85
N PHE A 435 -3.99 -29.25 58.84
CA PHE A 435 -3.54 -28.43 57.69
C PHE A 435 -4.20 -27.05 57.79
N THR A 436 -3.43 -26.00 57.47
CA THR A 436 -3.93 -24.65 57.15
C THR A 436 -3.78 -24.42 55.64
N ILE A 437 -4.90 -24.31 54.92
CA ILE A 437 -4.96 -24.06 53.46
C ILE A 437 -5.12 -22.56 53.26
N LYS A 438 -4.10 -21.90 52.74
CA LYS A 438 -4.09 -20.46 52.40
C LYS A 438 -4.18 -20.31 50.89
N VAL A 439 -5.27 -19.69 50.42
CA VAL A 439 -5.58 -19.54 48.97
C VAL A 439 -5.01 -18.20 48.50
N TYR A 440 -4.13 -18.26 47.49
CA TYR A 440 -3.39 -17.11 46.95
C TYR A 440 -3.69 -16.96 45.47
N GLU A 441 -3.57 -15.72 45.02
CA GLU A 441 -3.73 -15.29 43.61
C GLU A 441 -2.46 -14.53 43.23
N GLY A 442 -1.82 -14.88 42.12
CA GLY A 442 -0.64 -14.13 41.65
C GLY A 442 0.38 -15.04 41.02
N GLU A 443 1.42 -14.43 40.43
CA GLU A 443 2.39 -15.11 39.55
C GLU A 443 3.73 -15.32 40.27
N ARG A 444 3.89 -14.76 41.46
CA ARG A 444 5.21 -14.75 42.15
C ARG A 444 5.42 -16.10 42.84
N PRO A 445 6.68 -16.57 42.92
CA PRO A 445 6.98 -17.90 43.47
C PRO A 445 6.76 -18.05 44.98
N LEU A 446 6.76 -16.96 45.74
CA LEU A 446 6.57 -16.97 47.22
C LEU A 446 5.29 -16.21 47.54
N THR A 447 4.45 -16.75 48.43
CA THR A 447 3.09 -16.22 48.69
C THR A 447 3.15 -14.86 49.37
N LYS A 448 4.24 -14.51 50.06
CA LYS A 448 4.40 -13.15 50.65
C LYS A 448 4.24 -12.09 49.56
N ASP A 449 4.46 -12.41 48.28
CA ASP A 449 4.41 -11.44 47.16
C ASP A 449 3.11 -11.61 46.35
N ASN A 450 2.22 -12.50 46.78
CA ASN A 450 0.92 -12.75 46.09
C ASN A 450 -0.22 -12.24 46.96
N HIS A 451 -1.47 -12.34 46.47
CA HIS A 451 -2.68 -11.78 47.10
C HIS A 451 -3.45 -12.89 47.83
N LEU A 452 -3.57 -12.80 49.16
CA LEU A 452 -4.27 -13.81 49.99
C LEU A 452 -5.79 -13.63 49.82
N LEU A 453 -6.49 -14.67 49.34
CA LEU A 453 -7.95 -14.66 49.11
C LEU A 453 -8.71 -15.20 50.33
N GLY A 454 -8.11 -16.07 51.14
CA GLY A 454 -8.78 -16.69 52.30
C GLY A 454 -8.03 -17.89 52.83
N THR A 455 -8.39 -18.34 54.03
N THR A 455 -8.42 -18.36 54.02
CA THR A 455 -7.79 -19.53 54.68
CA THR A 455 -7.78 -19.49 54.73
C THR A 455 -8.89 -20.40 55.27
C THR A 455 -8.86 -20.38 55.34
N PHE A 456 -8.57 -21.68 55.47
CA PHE A 456 -9.41 -22.64 56.24
C PHE A 456 -8.49 -23.76 56.69
N ASP A 457 -8.95 -24.51 57.69
CA ASP A 457 -8.20 -25.63 58.29
C ASP A 457 -8.85 -26.92 57.84
N LEU A 458 -8.07 -27.99 57.80
CA LEU A 458 -8.53 -29.39 57.79
C LEU A 458 -7.95 -30.03 59.05
N THR A 459 -8.82 -30.42 59.98
CA THR A 459 -8.45 -30.94 61.31
C THR A 459 -8.67 -32.46 61.35
N GLY A 460 -8.11 -33.11 62.36
CA GLY A 460 -8.34 -34.54 62.62
C GLY A 460 -7.62 -35.42 61.63
N ILE A 461 -6.46 -34.99 61.15
CA ILE A 461 -5.62 -35.86 60.28
C ILE A 461 -5.12 -37.01 61.15
N PRO A 462 -5.43 -38.28 60.81
CA PRO A 462 -4.94 -39.42 61.59
C PRO A 462 -3.42 -39.50 61.61
N PRO A 463 -2.83 -40.09 62.67
CA PRO A 463 -1.38 -40.23 62.77
C PRO A 463 -0.80 -41.09 61.65
N ALA A 464 0.35 -40.67 61.14
CA ALA A 464 1.12 -41.34 60.07
C ALA A 464 2.47 -40.65 59.96
N PRO A 465 3.50 -41.31 59.41
CA PRO A 465 4.75 -40.62 59.12
C PRO A 465 4.47 -39.45 58.17
N ARG A 466 5.30 -38.41 58.25
CA ARG A 466 5.23 -37.23 57.34
C ARG A 466 5.28 -37.72 55.89
N GLY A 467 4.51 -37.05 55.02
CA GLY A 467 4.45 -37.37 53.59
C GLY A 467 3.54 -38.55 53.28
N VAL A 468 2.97 -39.24 54.28
CA VAL A 468 2.17 -40.47 54.01
C VAL A 468 0.70 -40.10 53.76
N PRO A 469 0.02 -39.28 54.59
CA PRO A 469 -1.39 -38.96 54.34
C PRO A 469 -1.51 -38.27 52.97
N GLN A 470 -2.61 -38.53 52.28
CA GLN A 470 -2.87 -37.92 50.96
C GLN A 470 -4.10 -37.04 51.09
N ILE A 471 -3.90 -35.73 51.07
CA ILE A 471 -5.00 -34.72 51.14
C ILE A 471 -5.13 -34.14 49.74
N GLU A 472 -6.31 -34.30 49.15
CA GLU A 472 -6.60 -33.76 47.80
C GLU A 472 -7.14 -32.35 47.96
N VAL A 473 -6.45 -31.38 47.37
CA VAL A 473 -6.93 -29.98 47.34
C VAL A 473 -7.49 -29.74 45.95
N THR A 474 -8.76 -29.32 45.89
CA THR A 474 -9.49 -29.03 44.63
C THR A 474 -9.82 -27.53 44.57
N PHE A 475 -9.46 -26.89 43.48
CA PHE A 475 -9.94 -25.53 43.10
C PHE A 475 -11.00 -25.72 42.01
N GLU A 476 -12.21 -25.23 42.21
CA GLU A 476 -13.21 -25.15 41.13
C GLU A 476 -13.70 -23.72 40.95
N ILE A 477 -13.73 -23.29 39.70
CA ILE A 477 -14.36 -22.01 39.29
C ILE A 477 -15.64 -22.39 38.55
N ASP A 478 -16.80 -21.98 39.08
CA ASP A 478 -18.13 -22.38 38.53
C ASP A 478 -18.47 -21.44 37.37
N VAL A 479 -19.65 -21.61 36.76
CA VAL A 479 -20.07 -20.80 35.57
C VAL A 479 -20.24 -19.32 35.97
N ASN A 480 -20.42 -19.02 37.27
CA ASN A 480 -20.55 -17.62 37.78
C ASN A 480 -19.18 -17.04 38.17
N GLY A 481 -18.07 -17.75 37.93
CA GLY A 481 -16.72 -17.30 38.28
C GLY A 481 -16.47 -17.35 39.78
N ILE A 482 -17.26 -18.10 40.54
CA ILE A 482 -17.04 -18.26 42.00
C ILE A 482 -15.99 -19.36 42.19
N LEU A 483 -15.00 -19.09 43.02
CA LEU A 483 -13.93 -20.05 43.38
C LEU A 483 -14.33 -20.78 44.65
N ARG A 484 -14.32 -22.11 44.61
CA ARG A 484 -14.50 -22.96 45.80
C ARG A 484 -13.25 -23.83 45.93
N VAL A 485 -12.66 -23.84 47.10
CA VAL A 485 -11.47 -24.67 47.42
C VAL A 485 -11.87 -25.69 48.47
N THR A 486 -11.65 -26.96 48.14
CA THR A 486 -11.91 -28.12 49.03
C THR A 486 -10.57 -28.75 49.39
N ALA A 487 -10.41 -29.16 50.65
CA ALA A 487 -9.35 -30.07 51.10
C ALA A 487 -10.01 -31.31 51.68
N GLU A 488 -9.60 -32.50 51.22
CA GLU A 488 -10.18 -33.79 51.67
C GLU A 488 -9.06 -34.79 51.95
N ASP A 489 -9.06 -35.34 53.15
CA ASP A 489 -8.19 -36.51 53.50
C ASP A 489 -8.76 -37.72 52.78
N LYS A 490 -8.02 -38.25 51.81
CA LYS A 490 -8.48 -39.36 50.94
C LYS A 490 -8.57 -40.66 51.76
N GLY A 491 -7.92 -40.72 52.93
CA GLY A 491 -7.95 -41.90 53.82
C GLY A 491 -9.23 -42.01 54.65
N THR A 492 -9.89 -40.89 54.94
CA THR A 492 -11.01 -40.79 55.92
C THR A 492 -12.29 -40.22 55.29
N GLY A 493 -12.18 -39.36 54.27
CA GLY A 493 -13.32 -38.58 53.77
C GLY A 493 -13.51 -37.27 54.52
N ASN A 494 -12.74 -37.03 55.58
CA ASN A 494 -12.70 -35.74 56.33
C ASN A 494 -12.44 -34.61 55.33
N LYS A 495 -13.27 -33.57 55.33
CA LYS A 495 -13.34 -32.58 54.23
C LYS A 495 -13.67 -31.20 54.82
N ASN A 496 -13.07 -30.15 54.28
CA ASN A 496 -13.50 -28.76 54.56
C ASN A 496 -13.36 -27.95 53.27
N LYS A 497 -13.97 -26.78 53.24
CA LYS A 497 -13.93 -25.94 52.03
C LYS A 497 -14.17 -24.48 52.38
N ILE A 498 -13.80 -23.62 51.44
CA ILE A 498 -14.09 -22.18 51.47
C ILE A 498 -14.68 -21.81 50.12
N THR A 499 -15.64 -20.90 50.16
CA THR A 499 -16.20 -20.19 48.99
C THR A 499 -15.61 -18.78 48.99
N ILE A 500 -14.91 -18.43 47.92
CA ILE A 500 -14.30 -17.08 47.72
C ILE A 500 -15.13 -16.34 46.66
N THR A 501 -15.65 -15.16 47.02
CA THR A 501 -16.53 -14.31 46.16
C THR A 501 -15.81 -13.03 45.75
N ASN A 502 -16.17 -12.47 44.58
CA ASN A 502 -15.71 -11.16 44.05
C ASN A 502 -16.58 -10.05 44.66
N ASP A 503 -16.62 -9.99 46.00
CA ASP A 503 -17.40 -9.00 46.80
C ASP A 503 -16.41 -8.05 47.48
N GLN A 504 -15.62 -8.57 48.42
CA GLN A 504 -14.55 -7.83 49.14
C GLN A 504 -13.19 -8.25 48.57
N ASN A 505 -12.13 -7.48 48.90
CA ASN A 505 -10.71 -7.92 48.82
C ASN A 505 -10.40 -8.50 47.43
N ARG A 506 -10.95 -7.90 46.36
CA ARG A 506 -10.66 -8.25 44.95
C ARG A 506 -9.68 -7.22 44.40
N LEU A 507 -8.60 -7.65 43.73
CA LEU A 507 -7.57 -6.76 43.11
C LEU A 507 -8.23 -5.88 42.05
N THR A 508 -7.68 -4.69 41.83
CA THR A 508 -8.14 -3.73 40.79
C THR A 508 -7.47 -4.09 39.46
N PRO A 509 -8.12 -3.80 38.30
CA PRO A 509 -7.48 -4.01 37.00
C PRO A 509 -6.07 -3.42 36.90
N GLU A 510 -5.79 -2.33 37.64
CA GLU A 510 -4.43 -1.73 37.76
C GLU A 510 -3.48 -2.74 38.41
N GLU A 511 -3.85 -3.22 39.60
CA GLU A 511 -3.06 -4.19 40.41
C GLU A 511 -2.81 -5.50 39.64
N ILE A 512 -3.79 -5.91 38.83
CA ILE A 512 -3.74 -7.17 38.03
C ILE A 512 -2.63 -7.02 36.98
N GLU A 513 -2.52 -5.87 36.31
CA GLU A 513 -1.54 -5.70 35.20
C GLU A 513 -0.13 -5.68 35.77
N ARG A 514 0.07 -5.13 36.97
CA ARG A 514 1.39 -5.17 37.66
C ARG A 514 1.77 -6.64 37.92
N MET A 515 0.81 -7.44 38.40
N MET A 515 0.81 -7.44 38.36
CA MET A 515 1.01 -8.89 38.67
CA MET A 515 1.02 -8.88 38.68
C MET A 515 1.23 -9.64 37.35
C MET A 515 1.17 -9.69 37.39
N VAL A 516 0.49 -9.29 36.30
CA VAL A 516 0.60 -9.98 34.99
C VAL A 516 2.01 -9.78 34.41
N ASN A 517 2.69 -8.67 34.73
CA ASN A 517 4.09 -8.39 34.32
C ASN A 517 5.03 -9.50 34.80
N ASP A 518 4.73 -10.14 35.92
CA ASP A 518 5.58 -11.22 36.51
C ASP A 518 5.15 -12.61 36.00
N ALA A 519 4.13 -12.69 35.13
CA ALA A 519 3.73 -13.96 34.50
C ALA A 519 4.86 -14.43 33.59
N GLU A 520 5.03 -15.75 33.45
CA GLU A 520 5.90 -16.44 32.47
C GLU A 520 7.38 -16.29 32.86
N LYS A 521 7.65 -15.97 34.12
CA LYS A 521 9.03 -15.90 34.66
C LYS A 521 9.44 -17.31 35.11
N PHE A 522 8.51 -18.01 35.76
CA PHE A 522 8.65 -19.44 36.17
C PHE A 522 7.47 -20.23 35.60
N ALA A 523 7.70 -21.52 35.33
CA ALA A 523 6.69 -22.50 34.84
C ALA A 523 5.99 -23.14 36.04
C1 GOL B . 2.64 11.66 -14.42
O1 GOL B . 3.02 11.09 -15.67
C2 GOL B . 2.17 10.64 -13.40
O2 GOL B . 0.82 10.22 -13.63
C3 GOL B . 2.32 11.15 -11.96
O3 GOL B . 1.09 11.55 -11.38
C1 GOL C . -10.00 11.15 0.57
O1 GOL C . -10.16 10.29 -0.56
C2 GOL C . -10.31 12.59 0.23
O2 GOL C . -9.78 13.44 1.24
C3 GOL C . -11.79 12.86 0.03
O3 GOL C . -12.02 13.80 -1.01
C1 GOL D . -13.10 -33.41 47.30
O1 GOL D . -12.00 -34.26 46.97
C2 GOL D . -14.09 -33.20 46.16
O2 GOL D . -13.47 -33.47 44.89
C3 GOL D . -14.69 -31.82 46.16
O3 GOL D . -15.17 -31.44 44.87
C1 GOL E . -6.60 -12.84 30.56
O1 GOL E . -5.34 -13.50 30.53
C2 GOL E . -6.77 -11.90 29.40
O2 GOL E . -7.71 -10.88 29.74
C3 GOL E . -5.47 -11.25 28.96
O3 GOL E . -5.10 -11.64 27.63
C1 GOL F . -2.72 -22.65 30.88
O1 GOL F . -1.97 -21.46 31.16
C2 GOL F . -2.88 -22.87 29.40
O2 GOL F . -2.68 -21.63 28.71
C3 GOL F . -4.24 -23.43 29.03
O3 GOL F . -4.51 -24.64 29.72
C1 GOL G . 4.15 6.11 -16.62
O1 GOL G . 5.31 6.52 -17.36
C2 GOL G . 3.43 7.25 -15.92
O2 GOL G . 4.10 8.49 -16.13
C3 GOL G . 1.96 7.42 -16.31
O3 GOL G . 1.66 8.74 -16.78
#